data_4JZ2
#
_entry.id   4JZ2
#
_cell.length_a   80.321
_cell.length_b   80.321
_cell.length_c   250.991
_cell.angle_alpha   90.00
_cell.angle_beta   90.00
_cell.angle_gamma   120.00
#
_symmetry.space_group_name_H-M   'P 65 2 2'
#
loop_
_entity.id
_entity.type
_entity.pdbx_description
1 polymer 'Superoxide dismutase'
2 non-polymer 'COBALT (II) ION'
3 water water
#
_entity_poly.entity_id   1
_entity_poly.type   'polypeptide(L)'
_entity_poly.pdbx_seq_one_letter_code
;PENNKFKVKPLPYAYDALEPYIDKETMKLHHDKHYQAYVDKLNAALEKYPELYNYSLCELLQNLDSLPKDIATTVRNNAG
GAYNHKFFFDIMTPEKTIPSESLKEAIDRDFGSFEKFKQEFQKSALDVFGSGWAWLVATKDGKLSIMTTPNQDSPVSKNL
TPIIGLDVWEHAYYLKYQNRRNEYIDNWFNVVNWNGALENYKNLKSQD
;
_entity_poly.pdbx_strand_id   A
#
loop_
_chem_comp.id
_chem_comp.type
_chem_comp.name
_chem_comp.formula
CO non-polymer 'COBALT (II) ION' 'Co 2'
#
# COMPACT_ATOMS: atom_id res chain seq x y z
N ASN A 3 -17.89 -13.60 -14.71
CA ASN A 3 -16.52 -13.67 -14.22
C ASN A 3 -16.31 -12.85 -12.96
N ASN A 4 -16.14 -13.53 -11.83
CA ASN A 4 -15.91 -12.87 -10.56
C ASN A 4 -14.46 -12.96 -10.07
N LYS A 5 -13.54 -13.20 -11.00
CA LYS A 5 -12.12 -13.29 -10.63
C LYS A 5 -11.54 -11.92 -10.31
N PHE A 6 -10.49 -11.90 -9.49
CA PHE A 6 -9.89 -10.63 -9.10
C PHE A 6 -9.21 -10.00 -10.30
N LYS A 7 -9.27 -8.68 -10.37
CA LYS A 7 -8.71 -7.95 -11.52
C LYS A 7 -7.70 -6.89 -11.10
N VAL A 8 -6.80 -6.58 -12.02
CA VAL A 8 -5.84 -5.50 -11.81
C VAL A 8 -6.54 -4.19 -12.08
N LYS A 9 -6.54 -3.27 -11.12
CA LYS A 9 -7.12 -1.96 -11.35
C LYS A 9 -6.21 -1.13 -12.26
N PRO A 10 -6.76 -0.58 -13.36
CA PRO A 10 -5.93 0.26 -14.24
C PRO A 10 -5.28 1.39 -13.47
N LEU A 11 -4.03 1.72 -13.80
CA LEU A 11 -3.35 2.83 -13.14
C LEU A 11 -4.23 4.08 -13.29
N PRO A 12 -4.36 4.87 -12.21
CA PRO A 12 -5.30 6.00 -12.19
C PRO A 12 -4.78 7.29 -12.85
N TYR A 13 -3.62 7.22 -13.49
CA TYR A 13 -3.00 8.39 -14.13
C TYR A 13 -2.02 7.83 -15.14
N ALA A 14 -1.42 8.69 -15.95
CA ALA A 14 -0.46 8.28 -16.97
C ALA A 14 0.75 7.62 -16.31
N TYR A 15 1.39 6.66 -16.99
CA TYR A 15 2.56 6.00 -16.41
C TYR A 15 3.70 6.97 -16.10
N ASP A 16 3.76 8.11 -16.80
CA ASP A 16 4.80 9.10 -16.55
C ASP A 16 4.33 10.25 -15.65
N ALA A 17 3.13 10.11 -15.09
CA ALA A 17 2.54 11.20 -14.33
C ALA A 17 3.30 11.55 -13.05
N LEU A 18 4.03 10.58 -12.50
CA LEU A 18 4.73 10.80 -11.24
C LEU A 18 6.20 11.24 -11.39
N GLU A 19 6.66 11.39 -12.64
CA GLU A 19 7.99 11.95 -12.86
C GLU A 19 8.02 13.40 -12.37
N PRO A 20 9.17 13.85 -11.87
CA PRO A 20 10.44 13.14 -11.80
C PRO A 20 10.66 12.42 -10.47
N TYR A 21 9.61 12.01 -9.79
CA TYR A 21 9.78 11.43 -8.46
C TYR A 21 9.84 9.91 -8.56
N ILE A 22 9.02 9.36 -9.48
CA ILE A 22 9.05 7.96 -9.81
C ILE A 22 9.05 7.82 -11.34
N ASP A 23 10.05 7.12 -11.87
CA ASP A 23 10.21 6.98 -13.32
C ASP A 23 9.09 6.18 -14.00
N LYS A 24 8.78 6.55 -15.24
CA LYS A 24 7.77 5.84 -16.02
C LYS A 24 8.07 4.36 -16.19
N GLU A 25 9.34 4.03 -16.35
CA GLU A 25 9.72 2.63 -16.59
C GLU A 25 9.36 1.78 -15.37
N THR A 26 9.61 2.34 -14.19
CA THR A 26 9.23 1.66 -12.95
C THR A 26 7.71 1.53 -12.83
N MET A 27 6.99 2.60 -13.13
CA MET A 27 5.53 2.53 -13.08
C MET A 27 4.98 1.44 -13.99
N LYS A 28 5.52 1.34 -15.21
CA LYS A 28 5.11 0.28 -16.11
C LYS A 28 5.38 -1.10 -15.52
N LEU A 29 6.61 -1.30 -15.06
CA LEU A 29 6.98 -2.62 -14.50
C LEU A 29 6.13 -2.91 -13.27
N HIS A 30 6.06 -1.93 -12.38
CA HIS A 30 5.44 -2.13 -11.08
C HIS A 30 3.98 -2.52 -11.24
N HIS A 31 3.26 -1.78 -12.08
CA HIS A 31 1.84 -2.03 -12.29
C HIS A 31 1.58 -3.21 -13.24
N ASP A 32 2.26 -3.20 -14.38
CA ASP A 32 1.97 -4.16 -15.44
C ASP A 32 2.56 -5.54 -15.19
N LYS A 33 3.65 -5.62 -14.43
CA LYS A 33 4.30 -6.91 -14.19
C LYS A 33 4.12 -7.41 -12.74
N HIS A 34 4.59 -6.62 -11.78
CA HIS A 34 4.52 -7.05 -10.37
C HIS A 34 3.09 -7.17 -9.84
N TYR A 35 2.31 -6.10 -9.99
CA TYR A 35 0.94 -6.10 -9.50
C TYR A 35 0.14 -7.16 -10.24
N GLN A 36 0.29 -7.17 -11.57
CA GLN A 36 -0.36 -8.19 -12.40
C GLN A 36 -0.05 -9.61 -11.95
N ALA A 37 1.20 -9.87 -11.54
CA ALA A 37 1.58 -11.23 -11.13
C ALA A 37 0.87 -11.68 -9.84
N TYR A 38 0.76 -10.76 -8.88
CA TYR A 38 0.06 -11.07 -7.64
C TYR A 38 -1.39 -11.44 -7.93
N VAL A 39 -2.03 -10.68 -8.80
CA VAL A 39 -3.42 -10.95 -9.15
C VAL A 39 -3.55 -12.30 -9.85
N ASP A 40 -2.67 -12.58 -10.81
CA ASP A 40 -2.73 -13.85 -11.52
C ASP A 40 -2.55 -15.03 -10.58
N LYS A 41 -1.56 -14.93 -9.70
CA LYS A 41 -1.25 -16.01 -8.79
C LYS A 41 -2.38 -16.26 -7.79
N LEU A 42 -2.98 -15.18 -7.32
CA LEU A 42 -4.13 -15.30 -6.43
C LEU A 42 -5.27 -16.04 -7.13
N ASN A 43 -5.65 -15.56 -8.31
CA ASN A 43 -6.73 -16.22 -9.06
C ASN A 43 -6.45 -17.70 -9.28
N ALA A 44 -5.21 -18.03 -9.63
CA ALA A 44 -4.84 -19.43 -9.85
C ALA A 44 -5.07 -20.26 -8.58
N ALA A 45 -4.67 -19.70 -7.44
CA ALA A 45 -4.78 -20.41 -6.17
C ALA A 45 -6.24 -20.67 -5.79
N LEU A 46 -7.13 -19.79 -6.21
CA LEU A 46 -8.54 -19.91 -5.82
C LEU A 46 -9.38 -20.76 -6.76
N GLU A 47 -8.80 -21.16 -7.88
CA GLU A 47 -9.53 -22.03 -8.82
C GLU A 47 -10.07 -23.26 -8.10
N LYS A 48 -9.34 -23.71 -7.09
CA LYS A 48 -9.71 -24.89 -6.30
C LYS A 48 -10.88 -24.62 -5.35
N TYR A 49 -11.07 -23.34 -5.00
CA TYR A 49 -12.15 -22.94 -4.09
C TYR A 49 -12.84 -21.69 -4.66
N PRO A 50 -13.58 -21.87 -5.76
CA PRO A 50 -14.11 -20.72 -6.51
C PRO A 50 -15.04 -19.82 -5.71
N GLU A 51 -15.61 -20.32 -4.61
CA GLU A 51 -16.49 -19.47 -3.81
C GLU A 51 -15.71 -18.32 -3.19
N LEU A 52 -14.39 -18.50 -3.05
CA LEU A 52 -13.54 -17.48 -2.49
C LEU A 52 -13.39 -16.25 -3.40
N TYR A 53 -13.73 -16.42 -4.69
CA TYR A 53 -13.73 -15.28 -5.60
C TYR A 53 -14.77 -14.26 -5.17
N ASN A 54 -15.71 -14.66 -4.33
CA ASN A 54 -16.74 -13.74 -3.85
C ASN A 54 -16.36 -13.01 -2.57
N TYR A 55 -15.24 -13.40 -1.96
CA TYR A 55 -14.69 -12.61 -0.87
C TYR A 55 -14.07 -11.38 -1.50
N SER A 56 -14.02 -10.28 -0.77
CA SER A 56 -13.20 -9.14 -1.16
C SER A 56 -11.74 -9.44 -0.78
N LEU A 57 -10.81 -8.65 -1.30
CA LEU A 57 -9.41 -8.78 -0.88
C LEU A 57 -9.30 -8.59 0.63
N CYS A 58 -10.01 -7.60 1.16
CA CYS A 58 -9.99 -7.38 2.60
C CYS A 58 -10.45 -8.61 3.38
N GLU A 59 -11.52 -9.24 2.88
CA GLU A 59 -12.03 -10.41 3.59
C GLU A 59 -11.01 -11.56 3.59
N LEU A 60 -10.33 -11.77 2.47
CA LEU A 60 -9.27 -12.77 2.42
C LEU A 60 -8.20 -12.42 3.47
N LEU A 61 -7.75 -11.17 3.44
CA LEU A 61 -6.72 -10.71 4.36
C LEU A 61 -7.13 -10.74 5.83
N GLN A 62 -8.43 -10.63 6.12
CA GLN A 62 -8.89 -10.67 7.51
C GLN A 62 -9.09 -12.09 8.03
N ASN A 63 -9.03 -13.07 7.13
CA ASN A 63 -9.33 -14.45 7.50
C ASN A 63 -8.26 -15.45 7.08
N LEU A 64 -7.02 -14.97 6.98
CA LEU A 64 -5.94 -15.83 6.54
C LEU A 64 -5.83 -17.11 7.39
N ASP A 65 -6.00 -16.98 8.70
CA ASP A 65 -5.83 -18.13 9.59
C ASP A 65 -6.99 -19.12 9.58
N SER A 66 -8.04 -18.82 8.81
CA SER A 66 -9.19 -19.71 8.76
C SER A 66 -9.51 -20.19 7.33
N LEU A 67 -8.73 -19.71 6.36
CA LEU A 67 -8.81 -20.24 5.00
C LEU A 67 -8.34 -21.70 4.99
N PRO A 68 -8.74 -22.47 3.96
CA PRO A 68 -8.18 -23.82 3.83
C PRO A 68 -6.65 -23.81 3.91
N LYS A 69 -6.09 -24.74 4.67
CA LYS A 69 -4.67 -24.79 4.98
C LYS A 69 -3.78 -24.74 3.74
N ASP A 70 -4.22 -25.36 2.66
CA ASP A 70 -3.35 -25.51 1.48
C ASP A 70 -3.14 -24.22 0.68
N ILE A 71 -3.95 -23.18 0.95
CA ILE A 71 -3.80 -21.93 0.21
C ILE A 71 -3.56 -20.74 1.12
N ALA A 72 -3.46 -20.97 2.42
CA ALA A 72 -3.37 -19.88 3.36
C ALA A 72 -2.18 -18.98 3.05
N THR A 73 -1.03 -19.60 2.80
CA THR A 73 0.21 -18.84 2.59
C THR A 73 0.18 -18.13 1.24
N THR A 74 -0.26 -18.84 0.21
CA THR A 74 -0.29 -18.24 -1.12
C THR A 74 -1.26 -17.05 -1.14
N VAL A 75 -2.37 -17.17 -0.43
CA VAL A 75 -3.35 -16.09 -0.39
C VAL A 75 -2.78 -14.91 0.39
N ARG A 76 -2.13 -15.21 1.51
CA ARG A 76 -1.49 -14.17 2.30
C ARG A 76 -0.53 -13.35 1.41
N ASN A 77 0.35 -14.04 0.68
CA ASN A 77 1.33 -13.34 -0.16
C ASN A 77 0.69 -12.62 -1.35
N ASN A 78 -0.22 -13.28 -2.03
CA ASN A 78 -0.75 -12.74 -3.27
C ASN A 78 -1.97 -11.83 -3.12
N ALA A 79 -2.86 -12.13 -2.17
CA ALA A 79 -3.94 -11.18 -1.88
C ALA A 79 -3.28 -9.96 -1.27
N GLY A 80 -2.26 -10.18 -0.46
CA GLY A 80 -1.49 -9.10 0.11
C GLY A 80 -0.93 -8.21 -1.00
N GLY A 81 -0.26 -8.84 -1.96
CA GLY A 81 0.35 -8.11 -3.07
C GLY A 81 -0.69 -7.35 -3.88
N ALA A 82 -1.80 -8.01 -4.17
CA ALA A 82 -2.87 -7.41 -4.96
C ALA A 82 -3.46 -6.22 -4.21
N TYR A 83 -3.74 -6.39 -2.93
CA TYR A 83 -4.37 -5.32 -2.17
C TYR A 83 -3.42 -4.15 -1.93
N ASN A 84 -2.18 -4.46 -1.56
CA ASN A 84 -1.21 -3.41 -1.24
C ASN A 84 -0.89 -2.56 -2.45
N HIS A 85 -0.82 -3.17 -3.63
CA HIS A 85 -0.46 -2.42 -4.82
C HIS A 85 -1.62 -1.58 -5.33
N LYS A 86 -2.82 -2.16 -5.33
CA LYS A 86 -3.99 -1.37 -5.66
C LYS A 86 -4.00 -0.13 -4.77
N PHE A 87 -3.82 -0.35 -3.47
CA PHE A 87 -3.79 0.73 -2.48
C PHE A 87 -2.69 1.74 -2.79
N PHE A 88 -1.51 1.23 -3.12
CA PHE A 88 -0.33 2.07 -3.33
C PHE A 88 -0.49 3.01 -4.54
N PHE A 89 -0.96 2.48 -5.66
CA PHE A 89 -1.14 3.34 -6.84
C PHE A 89 -2.26 4.35 -6.59
N ASP A 90 -3.27 3.96 -5.80
CA ASP A 90 -4.36 4.87 -5.44
C ASP A 90 -3.93 5.99 -4.51
N ILE A 91 -2.86 5.77 -3.75
CA ILE A 91 -2.45 6.76 -2.74
C ILE A 91 -1.39 7.72 -3.28
N MET A 92 -1.11 7.63 -4.57
CA MET A 92 -0.22 8.59 -5.20
C MET A 92 -0.98 9.37 -6.26
N THR A 93 -0.48 10.57 -6.59
CA THR A 93 -1.16 11.37 -7.60
C THR A 93 -0.23 12.44 -8.16
N PRO A 94 -0.41 12.78 -9.44
CA PRO A 94 0.31 13.91 -10.07
C PRO A 94 -0.22 15.27 -9.59
N GLU A 95 -1.45 15.28 -9.08
CA GLU A 95 -2.06 16.52 -8.56
C GLU A 95 -1.41 16.96 -7.25
N LYS A 96 -1.46 18.25 -6.96
CA LYS A 96 -0.93 18.73 -5.69
C LYS A 96 -2.01 18.66 -4.64
N THR A 97 -1.67 18.09 -3.48
CA THR A 97 -2.63 17.90 -2.41
C THR A 97 -1.92 18.16 -1.09
N ILE A 98 -2.68 18.51 -0.06
CA ILE A 98 -2.14 18.62 1.29
C ILE A 98 -3.11 18.03 2.31
N PRO A 99 -2.62 17.74 3.52
CA PRO A 99 -3.49 17.21 4.58
C PRO A 99 -4.57 18.24 4.93
N SER A 100 -5.79 17.79 5.18
CA SER A 100 -6.88 18.69 5.54
C SER A 100 -7.93 18.01 6.41
N GLU A 101 -8.86 18.82 6.93
CA GLU A 101 -10.00 18.32 7.70
C GLU A 101 -9.57 17.39 8.84
N SER A 102 -10.31 16.30 9.04
CA SER A 102 -10.10 15.46 10.23
C SER A 102 -8.75 14.73 10.21
N LEU A 103 -8.27 14.39 9.02
CA LEU A 103 -6.97 13.70 8.94
C LEU A 103 -5.86 14.66 9.36
N LYS A 104 -5.91 15.89 8.86
CA LYS A 104 -4.94 16.90 9.25
C LYS A 104 -4.91 17.11 10.76
N GLU A 105 -6.09 17.21 11.37
CA GLU A 105 -6.18 17.41 12.82
C GLU A 105 -5.64 16.20 13.56
N ALA A 106 -5.98 15.02 13.07
CA ALA A 106 -5.58 13.77 13.72
C ALA A 106 -4.06 13.60 13.71
N ILE A 107 -3.43 14.00 12.59
CA ILE A 107 -1.98 13.94 12.51
C ILE A 107 -1.35 14.83 13.58
N ASP A 108 -1.83 16.07 13.68
CA ASP A 108 -1.34 16.96 14.72
C ASP A 108 -1.57 16.38 16.11
N ARG A 109 -2.75 15.82 16.33
CA ARG A 109 -3.08 15.27 17.63
C ARG A 109 -2.16 14.10 17.99
N ASP A 110 -1.99 13.18 17.05
CA ASP A 110 -1.32 11.92 17.35
C ASP A 110 0.19 11.93 17.19
N PHE A 111 0.72 12.90 16.45
CA PHE A 111 2.17 12.99 16.21
C PHE A 111 2.76 14.32 16.66
N GLY A 112 1.89 15.28 17.02
CA GLY A 112 2.37 16.58 17.45
C GLY A 112 2.42 17.61 16.33
N SER A 113 2.81 17.18 15.14
CA SER A 113 2.87 18.06 14.00
C SER A 113 3.06 17.23 12.74
N PHE A 114 2.80 17.83 11.59
CA PHE A 114 2.99 17.11 10.35
C PHE A 114 4.46 16.74 10.20
N GLU A 115 5.34 17.67 10.59
CA GLU A 115 6.77 17.46 10.45
C GLU A 115 7.26 16.28 11.26
N LYS A 116 6.74 16.12 12.48
CA LYS A 116 7.16 15.01 13.32
C LYS A 116 6.62 13.70 12.76
N PHE A 117 5.39 13.73 12.25
CA PHE A 117 4.84 12.55 11.61
C PHE A 117 5.75 12.14 10.45
N LYS A 118 6.08 13.10 9.61
CA LYS A 118 6.87 12.83 8.42
C LYS A 118 8.23 12.24 8.81
N GLN A 119 8.88 12.81 9.82
CA GLN A 119 10.16 12.30 10.24
C GLN A 119 10.06 10.84 10.67
N GLU A 120 9.02 10.53 11.45
CA GLU A 120 8.88 9.19 11.98
C GLU A 120 8.60 8.23 10.86
N PHE A 121 7.70 8.62 9.95
CA PHE A 121 7.37 7.78 8.82
C PHE A 121 8.61 7.47 7.99
N GLN A 122 9.39 8.51 7.68
CA GLN A 122 10.58 8.31 6.86
C GLN A 122 11.58 7.37 7.53
N LYS A 123 11.76 7.53 8.83
CA LYS A 123 12.66 6.64 9.55
C LYS A 123 12.18 5.19 9.53
N SER A 124 10.89 4.99 9.77
CA SER A 124 10.34 3.64 9.75
C SER A 124 10.52 3.02 8.36
N ALA A 125 10.24 3.79 7.31
CA ALA A 125 10.41 3.30 5.94
C ALA A 125 11.86 2.92 5.66
N LEU A 126 12.78 3.76 6.12
CA LEU A 126 14.19 3.54 5.88
C LEU A 126 14.65 2.28 6.60
N ASP A 127 14.08 2.02 7.78
CA ASP A 127 14.56 0.92 8.62
C ASP A 127 13.99 -0.46 8.29
N VAL A 128 13.03 -0.54 7.37
CA VAL A 128 12.52 -1.83 6.94
C VAL A 128 13.70 -2.64 6.40
N PHE A 129 13.93 -3.82 6.97
CA PHE A 129 15.04 -4.67 6.54
C PHE A 129 14.52 -5.77 5.64
N GLY A 130 15.02 -5.82 4.42
CA GLY A 130 14.48 -6.73 3.41
C GLY A 130 13.31 -6.05 2.71
N SER A 131 12.35 -6.84 2.21
CA SER A 131 11.21 -6.30 1.45
C SER A 131 10.08 -5.95 2.41
N GLY A 132 9.32 -4.90 2.12
CA GLY A 132 8.17 -4.58 2.96
C GLY A 132 7.58 -3.21 2.71
N TRP A 133 6.83 -2.72 3.70
CA TRP A 133 6.01 -1.52 3.55
C TRP A 133 6.06 -0.70 4.83
N ALA A 134 5.94 0.61 4.69
CA ALA A 134 5.72 1.47 5.85
C ALA A 134 4.32 2.03 5.72
N TRP A 135 3.60 2.12 6.83
CA TRP A 135 2.20 2.49 6.82
C TRP A 135 1.87 3.54 7.86
N LEU A 136 0.99 4.46 7.49
CA LEU A 136 0.24 5.21 8.48
C LEU A 136 -1.11 4.52 8.60
N VAL A 137 -1.45 4.08 9.82
CA VAL A 137 -2.65 3.28 10.02
C VAL A 137 -3.53 3.89 11.11
N ALA A 138 -4.80 3.54 11.09
CA ALA A 138 -5.75 4.02 12.08
C ALA A 138 -6.50 2.87 12.72
N THR A 139 -6.66 2.94 14.04
CA THR A 139 -7.52 1.99 14.74
C THR A 139 -8.94 2.34 14.39
N LYS A 140 -9.87 1.47 14.77
CA LYS A 140 -11.27 1.69 14.43
C LYS A 140 -11.84 2.98 15.02
N ASP A 141 -11.22 3.49 16.08
CA ASP A 141 -11.68 4.75 16.68
C ASP A 141 -10.93 5.99 16.18
N GLY A 142 -10.02 5.78 15.22
CA GLY A 142 -9.40 6.89 14.52
C GLY A 142 -8.05 7.32 15.08
N LYS A 143 -7.50 6.51 15.98
CA LYS A 143 -6.18 6.80 16.53
C LYS A 143 -5.11 6.39 15.53
N LEU A 144 -4.19 7.31 15.23
CA LEU A 144 -3.15 7.10 14.21
C LEU A 144 -1.82 6.61 14.77
N SER A 145 -1.14 5.78 13.99
CA SER A 145 0.22 5.37 14.31
C SER A 145 0.94 4.92 13.06
N ILE A 146 2.25 4.78 13.16
CA ILE A 146 3.07 4.28 12.07
C ILE A 146 3.54 2.86 12.36
N MET A 147 3.43 1.98 11.39
CA MET A 147 3.94 0.61 11.53
C MET A 147 4.46 0.13 10.19
N THR A 148 5.25 -0.94 10.21
CA THR A 148 5.74 -1.55 8.98
C THR A 148 5.27 -2.99 8.89
N THR A 149 5.24 -3.52 7.68
CA THR A 149 4.95 -4.93 7.48
C THR A 149 6.00 -5.52 6.54
N PRO A 150 6.32 -6.82 6.73
CA PRO A 150 7.29 -7.48 5.86
C PRO A 150 6.63 -8.00 4.59
N ASN A 151 7.41 -8.13 3.52
CA ASN A 151 6.90 -8.74 2.29
C ASN A 151 5.57 -8.13 1.85
N GLN A 152 4.53 -8.93 1.69
CA GLN A 152 3.22 -8.37 1.33
C GLN A 152 2.21 -8.49 2.46
N ASP A 153 2.71 -8.60 3.70
CA ASP A 153 1.78 -8.61 4.82
C ASP A 153 1.10 -7.24 4.90
N SER A 154 -0.12 -7.18 5.45
CA SER A 154 -0.91 -5.96 5.45
C SER A 154 -1.52 -5.66 6.82
N PRO A 155 -1.61 -4.37 7.18
CA PRO A 155 -2.23 -3.92 8.43
C PRO A 155 -3.69 -4.36 8.54
N VAL A 156 -4.32 -4.56 7.39
CA VAL A 156 -5.70 -5.03 7.34
C VAL A 156 -5.86 -6.34 8.11
N SER A 157 -4.84 -7.18 8.06
CA SER A 157 -4.85 -8.45 8.76
C SER A 157 -4.85 -8.27 10.28
N LYS A 158 -4.47 -7.07 10.73
CA LYS A 158 -4.41 -6.77 12.16
C LYS A 158 -5.53 -5.82 12.58
N ASN A 159 -6.57 -5.74 11.76
CA ASN A 159 -7.68 -4.83 12.00
C ASN A 159 -7.27 -3.37 12.13
N LEU A 160 -6.21 -2.99 11.42
CA LEU A 160 -5.82 -1.59 11.32
C LEU A 160 -6.11 -1.11 9.90
N THR A 161 -6.52 0.14 9.77
CA THR A 161 -6.92 0.68 8.47
C THR A 161 -5.79 1.52 7.89
N PRO A 162 -5.28 1.13 6.70
CA PRO A 162 -4.19 1.88 6.06
C PRO A 162 -4.70 3.25 5.63
N ILE A 163 -3.96 4.30 5.97
CA ILE A 163 -4.30 5.66 5.56
C ILE A 163 -3.39 6.08 4.39
N ILE A 164 -2.08 5.97 4.60
CA ILE A 164 -1.15 5.95 3.46
C ILE A 164 -0.15 4.83 3.70
N GLY A 165 0.58 4.45 2.64
CA GLY A 165 1.50 3.33 2.73
C GLY A 165 2.55 3.47 1.63
N LEU A 166 3.79 3.12 1.94
CA LEU A 166 4.89 3.23 0.97
C LEU A 166 5.53 1.87 0.75
N ASP A 167 5.60 1.45 -0.51
CA ASP A 167 6.26 0.22 -0.93
C ASP A 167 7.78 0.42 -0.88
N VAL A 168 8.48 -0.32 -0.02
CA VAL A 168 9.95 -0.23 -0.02
C VAL A 168 10.65 -1.52 -0.45
N TRP A 169 9.91 -2.38 -1.15
CA TRP A 169 10.55 -3.43 -1.93
C TRP A 169 11.51 -2.71 -2.87
N GLU A 170 12.67 -3.31 -3.14
CA GLU A 170 13.64 -2.68 -4.04
C GLU A 170 13.10 -2.49 -5.46
N HIS A 171 12.17 -3.33 -5.90
CA HIS A 171 11.61 -3.11 -7.24
C HIS A 171 10.88 -1.76 -7.39
N ALA A 172 10.43 -1.21 -6.27
CA ALA A 172 9.71 0.07 -6.27
C ALA A 172 10.62 1.27 -6.52
N TYR A 173 11.93 1.10 -6.29
CA TYR A 173 12.82 2.25 -6.38
C TYR A 173 14.20 2.03 -7.02
N TYR A 174 14.57 0.79 -7.33
CA TYR A 174 15.95 0.54 -7.74
C TYR A 174 16.36 1.20 -9.07
N LEU A 175 15.48 1.17 -10.07
CA LEU A 175 15.81 1.72 -11.38
C LEU A 175 16.26 3.19 -11.28
N LYS A 176 15.56 3.98 -10.47
CA LYS A 176 15.88 5.39 -10.34
C LYS A 176 16.83 5.74 -9.21
N TYR A 177 16.68 5.08 -8.06
CA TYR A 177 17.42 5.45 -6.86
C TYR A 177 18.48 4.43 -6.44
N GLN A 178 18.48 3.26 -7.08
CA GLN A 178 19.37 2.17 -6.70
C GLN A 178 19.34 1.98 -5.19
N ASN A 179 20.51 1.98 -4.54
CA ASN A 179 20.54 1.72 -3.10
C ASN A 179 20.04 2.85 -2.22
N ARG A 180 19.79 4.01 -2.84
CA ARG A 180 19.50 5.23 -2.08
C ARG A 180 18.01 5.34 -1.70
N ARG A 181 17.57 4.41 -0.87
CA ARG A 181 16.16 4.35 -0.51
C ARG A 181 15.74 5.64 0.18
N ASN A 182 16.66 6.23 0.95
CA ASN A 182 16.40 7.50 1.60
C ASN A 182 15.91 8.57 0.64
N GLU A 183 16.51 8.62 -0.55
CA GLU A 183 16.12 9.62 -1.54
C GLU A 183 14.76 9.32 -2.12
N TYR A 184 14.48 8.05 -2.32
CA TYR A 184 13.18 7.59 -2.79
C TYR A 184 12.08 8.01 -1.83
N ILE A 185 12.30 7.71 -0.55
CA ILE A 185 11.33 8.01 0.49
C ILE A 185 11.05 9.51 0.56
N ASP A 186 12.11 10.30 0.58
CA ASP A 186 11.97 11.76 0.63
C ASP A 186 11.18 12.29 -0.57
N ASN A 187 11.51 11.83 -1.76
CA ASN A 187 10.82 12.26 -2.98
C ASN A 187 9.36 11.84 -3.05
N TRP A 188 9.04 10.69 -2.46
CA TRP A 188 7.71 10.12 -2.57
C TRP A 188 6.65 11.05 -1.98
N PHE A 189 7.04 11.80 -0.96
CA PHE A 189 6.09 12.69 -0.30
C PHE A 189 5.54 13.76 -1.23
N ASN A 190 6.23 13.99 -2.35
CA ASN A 190 5.72 14.93 -3.35
C ASN A 190 4.52 14.39 -4.10
N VAL A 191 4.30 13.07 -4.05
CA VAL A 191 3.20 12.46 -4.81
C VAL A 191 2.11 11.81 -3.94
N VAL A 192 2.29 11.84 -2.63
CA VAL A 192 1.25 11.31 -1.74
C VAL A 192 -0.07 12.03 -2.01
N ASN A 193 -1.14 11.26 -2.22
CA ASN A 193 -2.45 11.84 -2.45
C ASN A 193 -3.21 12.06 -1.15
N TRP A 194 -3.09 13.27 -0.59
CA TRP A 194 -3.64 13.53 0.73
C TRP A 194 -5.17 13.55 0.77
N ASN A 195 -5.78 13.80 -0.38
CA ASN A 195 -7.23 13.73 -0.49
C ASN A 195 -7.69 12.28 -0.43
N GLY A 196 -6.95 11.39 -1.09
CA GLY A 196 -7.25 9.97 -1.00
C GLY A 196 -7.05 9.49 0.42
N ALA A 197 -5.98 9.95 1.05
CA ALA A 197 -5.71 9.58 2.43
C ALA A 197 -6.87 10.02 3.32
N LEU A 198 -7.38 11.22 3.07
CA LEU A 198 -8.53 11.73 3.84
C LEU A 198 -9.75 10.82 3.68
N GLU A 199 -10.03 10.38 2.46
CA GLU A 199 -11.15 9.48 2.26
C GLU A 199 -10.92 8.16 3.00
N ASN A 200 -9.69 7.67 2.94
CA ASN A 200 -9.32 6.46 3.69
C ASN A 200 -9.64 6.64 5.16
N TYR A 201 -9.30 7.81 5.69
CA TYR A 201 -9.52 8.08 7.11
C TYR A 201 -11.00 8.21 7.45
N LYS A 202 -11.77 8.79 6.53
CA LYS A 202 -13.19 9.03 6.77
C LYS A 202 -14.00 7.74 6.68
N ASN A 203 -13.46 6.75 5.97
CA ASN A 203 -14.18 5.50 5.77
C ASN A 203 -14.22 4.60 6.99
N LEU A 204 -13.54 5.03 8.05
CA LEU A 204 -13.71 4.39 9.34
C LEU A 204 -15.15 4.55 9.81
CO CO B . 5.68 -3.38 -5.20
#